data_6NSB
#
_entry.id   6NSB
#
_cell.length_a   101.123
_cell.length_b   101.123
_cell.length_c   387.229
_cell.angle_alpha   90.00
_cell.angle_beta   90.00
_cell.angle_gamma   120.00
#
_symmetry.space_group_name_H-M   'H 3 2'
#
loop_
_entity.id
_entity.type
_entity.pdbx_description
1 polymer 'Hemagglutinin HA1 chain'
2 polymer 'Hemagglutinin HA2 chain'
3 branched beta-D-mannopyranose-(1-4)-2-acetamido-2-deoxy-beta-D-glucopyranose-(1-4)-2-acetamido-2-deoxy-beta-D-glucopyranose
4 branched 2-acetamido-2-deoxy-beta-D-glucopyranose-(1-4)-2-acetamido-2-deoxy-beta-D-glucopyranose
5 branched 'N-acetyl-alpha-neuraminic acid-(2-6)-beta-D-galactopyranose-(1-4)-2-acetamido-2-deoxy-beta-D-glucopyranose'
6 non-polymer 2-acetamido-2-deoxy-beta-D-glucopyranose
7 water water
#
loop_
_entity_poly.entity_id
_entity_poly.type
_entity_poly.pdbx_seq_one_letter_code
_entity_poly.pdbx_strand_id
1 'polypeptide(L)'
;PGATLCLGHHAVPNGTIVKTITNDQIEVTNATELVQNSSIGEICDSPHQILDGENCTLIDALLGDPQCDGFQNKKWDLFV
ERSKAYSNCYPYDVPDYASLRSLVASSGTLEFNNESFNWTGVTQNGTSSACIRRSNNSFFSRLNWLTQLNFKYPALNVTM
PNNEQFDKLYIWGVHHPVTDKDQIFLYAQSSGRITVSTKRSQQAVIPNIGYRPRIRNIPSRISIYWTIVKPGDILLINST
GNLIAPRGYFKIRSGKSSIMRSDAPIGKCNSECITPNGSIPNDKPFQNVNRITYGACPRYVKQSTLKLATGMRNVPEKQT
R
;
A
2 'polypeptide(L)'
;GIFGAIAGFIENGWEGMVDGWYGFRHQNSEGRGQAADLKSTQAAIDQINGKLNRLIGKTNEKFHQIEKEFSEVEGRIQDL
EKYVEDTKIDLWSYNAELLVALENQHTIDLTDSEMNKLFEKTKKQLRENAEDMGNGCFKIYHKCDNACIGSIRNGTYDHD
VYRDEALNNRFQIKGV
;
B
#
loop_
_chem_comp.id
_chem_comp.type
_chem_comp.name
_chem_comp.formula
BMA D-saccharide, beta linking beta-D-mannopyranose 'C6 H12 O6'
GAL D-saccharide, beta linking beta-D-galactopyranose 'C6 H12 O6'
NAG D-saccharide, beta linking 2-acetamido-2-deoxy-beta-D-glucopyranose 'C8 H15 N O6'
SIA D-saccharide, alpha linking 'N-acetyl-alpha-neuraminic acid' 'C11 H19 N O9'
#
# COMPACT_ATOMS: atom_id res chain seq x y z
N PRO A 1 -55.68 36.59 -6.14
CA PRO A 1 -54.88 35.55 -6.80
C PRO A 1 -53.64 35.11 -5.95
N GLY A 2 -52.67 36.01 -5.73
CA GLY A 2 -51.54 35.69 -4.85
C GLY A 2 -50.40 35.02 -5.58
N ALA A 3 -49.70 34.13 -4.90
CA ALA A 3 -48.55 33.45 -5.48
C ALA A 3 -48.34 32.09 -4.89
N THR A 4 -47.51 31.29 -5.56
CA THR A 4 -47.05 30.02 -5.02
CA THR A 4 -47.05 30.01 -5.05
C THR A 4 -45.53 30.01 -5.01
N LEU A 5 -44.96 29.54 -3.91
CA LEU A 5 -43.52 29.42 -3.78
C LEU A 5 -43.19 27.99 -3.34
N CYS A 6 -42.44 27.27 -4.17
CA CYS A 6 -42.07 25.86 -3.94
C CYS A 6 -40.60 25.74 -3.64
N LEU A 7 -40.30 24.95 -2.61
CA LEU A 7 -38.95 24.62 -2.24
C LEU A 7 -38.61 23.29 -2.85
N GLY A 8 -37.38 23.18 -3.32
CA GLY A 8 -36.95 21.94 -3.96
C GLY A 8 -35.45 21.79 -4.03
N HIS A 9 -35.06 20.70 -4.71
CA HIS A 9 -33.66 20.30 -4.79
C HIS A 9 -33.39 19.75 -6.19
N HIS A 10 -32.11 19.68 -6.54
CA HIS A 10 -31.76 19.23 -7.87
C HIS A 10 -31.88 17.69 -8.03
N ALA A 11 -31.82 17.27 -9.28
CA ALA A 11 -31.75 15.86 -9.63
C ALA A 11 -30.98 15.77 -10.94
N VAL A 12 -30.48 14.57 -11.25
CA VAL A 12 -29.74 14.36 -12.50
C VAL A 12 -30.38 13.20 -13.25
N PRO A 13 -30.21 13.19 -14.59
CA PRO A 13 -30.68 12.07 -15.37
C PRO A 13 -29.77 10.84 -15.21
N ASN A 14 -28.47 11.01 -14.92
CA ASN A 14 -27.52 9.89 -14.80
C ASN A 14 -27.02 9.68 -13.34
N GLY A 15 -27.88 9.18 -12.47
CA GLY A 15 -27.50 8.95 -11.04
C GLY A 15 -26.60 7.73 -10.86
N THR A 16 -26.07 7.52 -9.65
CA THR A 16 -25.17 6.40 -9.36
C THR A 16 -25.63 5.65 -8.11
N ILE A 17 -25.46 4.34 -8.12
CA ILE A 17 -25.95 3.48 -7.03
C ILE A 17 -24.89 3.32 -5.94
N VAL A 18 -25.31 3.51 -4.69
CA VAL A 18 -24.44 3.31 -3.53
C VAL A 18 -25.14 2.48 -2.48
N LYS A 19 -24.37 2.05 -1.47
CA LYS A 19 -24.87 1.30 -0.34
C LYS A 19 -24.94 2.17 0.91
N THR A 20 -25.96 1.88 1.73
CA THR A 20 -26.15 2.55 3.02
C THR A 20 -26.31 1.47 4.11
N ILE A 21 -26.71 1.88 5.31
CA ILE A 21 -26.95 0.90 6.40
C ILE A 21 -28.10 -0.07 6.11
N THR A 22 -29.14 0.45 5.48
CA THR A 22 -30.36 -0.33 5.22
C THR A 22 -30.61 -0.81 3.79
N ASN A 23 -29.91 -0.22 2.82
CA ASN A 23 -30.18 -0.52 1.41
CA ASN A 23 -30.16 -0.46 1.39
C ASN A 23 -28.87 -0.86 0.73
N ASP A 24 -28.83 -2.00 0.05
CA ASP A 24 -27.58 -2.23 -0.69
C ASP A 24 -27.60 -1.55 -2.03
N GLN A 25 -28.72 -0.93 -2.41
CA GLN A 25 -28.82 -0.16 -3.65
C GLN A 25 -29.69 1.07 -3.52
N ILE A 26 -29.09 2.26 -3.43
CA ILE A 26 -29.82 3.50 -3.46
CA ILE A 26 -29.79 3.55 -3.38
C ILE A 26 -29.13 4.50 -4.38
N GLU A 27 -29.92 5.22 -5.16
CA GLU A 27 -29.39 6.13 -6.16
C GLU A 27 -29.15 7.54 -5.59
N VAL A 28 -27.93 8.04 -5.79
CA VAL A 28 -27.53 9.40 -5.44
C VAL A 28 -27.09 10.15 -6.69
N THR A 29 -26.92 11.47 -6.58
CA THR A 29 -26.62 12.31 -7.73
C THR A 29 -25.19 12.12 -8.21
N ASN A 30 -24.30 11.67 -7.31
CA ASN A 30 -22.89 11.60 -7.64
C ASN A 30 -22.19 10.76 -6.57
N ALA A 31 -21.08 10.15 -6.97
CA ALA A 31 -20.27 9.35 -6.04
C ALA A 31 -18.83 9.32 -6.52
N THR A 32 -17.94 8.86 -5.66
CA THR A 32 -16.54 8.69 -6.01
C THR A 32 -16.05 7.32 -5.55
N GLU A 33 -15.12 6.76 -6.31
CA GLU A 33 -14.59 5.43 -6.05
C GLU A 33 -13.48 5.46 -4.99
N LEU A 34 -13.58 4.60 -3.98
CA LEU A 34 -12.57 4.52 -2.91
C LEU A 34 -11.59 3.38 -3.03
N VAL A 35 -11.79 2.46 -3.98
CA VAL A 35 -10.86 1.33 -4.19
C VAL A 35 -10.09 1.49 -5.50
N GLN A 36 -8.77 1.60 -5.40
CA GLN A 36 -7.89 1.63 -6.57
C GLN A 36 -7.79 0.24 -7.14
N ASN A 37 -8.19 0.07 -8.40
CA ASN A 37 -8.26 -1.25 -9.01
C ASN A 37 -7.29 -1.48 -10.18
N SER A 38 -6.39 -0.54 -10.45
CA SER A 38 -5.51 -0.67 -11.61
C SER A 38 -4.12 -0.17 -11.25
N SER A 39 -3.15 -0.70 -11.99
CA SER A 39 -1.77 -0.26 -11.94
CA SER A 39 -1.77 -0.23 -11.94
C SER A 39 -1.40 0.22 -13.33
N ILE A 40 -0.31 0.97 -13.41
CA ILE A 40 0.27 1.40 -14.68
CA ILE A 40 0.18 1.36 -14.72
C ILE A 40 1.15 0.31 -15.33
N GLY A 41 1.35 -0.81 -14.65
CA GLY A 41 2.09 -1.94 -15.25
C GLY A 41 3.61 -1.82 -15.29
N GLU A 42 4.14 -0.77 -14.68
CA GLU A 42 5.58 -0.51 -14.57
CA GLU A 42 5.59 -0.57 -14.54
C GLU A 42 5.85 -0.03 -13.14
N ILE A 43 7.04 -0.32 -12.63
CA ILE A 43 7.47 0.22 -11.33
C ILE A 43 8.24 1.50 -11.58
N CYS A 44 7.70 2.62 -11.10
CA CYS A 44 8.34 3.91 -11.32
C CYS A 44 9.67 4.01 -10.54
N ASP A 45 10.70 4.50 -11.22
CA ASP A 45 12.05 4.58 -10.66
C ASP A 45 12.23 5.73 -9.67
N SER A 46 11.20 6.56 -9.51
CA SER A 46 11.18 7.66 -8.54
C SER A 46 9.89 7.56 -7.72
N PRO A 47 9.89 8.02 -6.46
CA PRO A 47 11.00 8.67 -5.76
C PRO A 47 11.84 7.72 -4.88
N HIS A 48 11.56 6.43 -4.92
CA HIS A 48 12.34 5.46 -4.15
C HIS A 48 13.50 4.97 -5.01
N GLN A 49 14.61 4.63 -4.33
CA GLN A 49 15.78 4.12 -5.03
C GLN A 49 15.54 2.65 -5.32
N ILE A 50 15.39 2.34 -6.60
CA ILE A 50 15.07 1.01 -7.06
C ILE A 50 16.34 0.31 -7.53
N LEU A 51 16.54 -0.95 -7.14
CA LEU A 51 17.62 -1.75 -7.65
C LEU A 51 17.01 -2.98 -8.30
N ASP A 52 17.08 -3.03 -9.62
CA ASP A 52 16.58 -4.17 -10.41
C ASP A 52 17.61 -5.30 -10.37
N GLY A 53 17.24 -6.43 -9.81
CA GLY A 53 18.16 -7.55 -9.67
C GLY A 53 18.54 -8.19 -10.99
N GLU A 54 17.73 -7.99 -12.03
CA GLU A 54 17.97 -8.61 -13.35
C GLU A 54 18.11 -10.13 -13.20
N ASN A 55 19.25 -10.73 -13.58
CA ASN A 55 19.41 -12.17 -13.40
C ASN A 55 19.85 -12.63 -12.00
N CYS A 56 19.98 -11.69 -11.06
CA CYS A 56 20.53 -11.97 -9.75
C CYS A 56 19.50 -11.87 -8.66
N THR A 57 19.42 -12.90 -7.82
CA THR A 57 18.77 -12.75 -6.52
C THR A 57 19.63 -11.87 -5.62
N LEU A 58 19.03 -11.31 -4.57
CA LEU A 58 19.80 -10.56 -3.58
C LEU A 58 20.94 -11.41 -3.00
N ILE A 59 20.64 -12.67 -2.66
CA ILE A 59 21.66 -13.51 -2.05
C ILE A 59 22.82 -13.75 -3.04
N ASP A 60 22.54 -13.93 -4.33
CA ASP A 60 23.65 -14.07 -5.31
C ASP A 60 24.47 -12.78 -5.46
N ALA A 61 23.81 -11.62 -5.35
CA ALA A 61 24.51 -10.34 -5.37
C ALA A 61 25.40 -10.17 -4.12
N LEU A 62 24.92 -10.65 -2.98
CA LEU A 62 25.68 -10.65 -1.72
C LEU A 62 26.95 -11.49 -1.81
N LEU A 63 26.77 -12.74 -2.21
CA LEU A 63 27.88 -13.68 -2.23
C LEU A 63 28.88 -13.30 -3.29
N GLY A 64 28.37 -12.74 -4.39
CA GLY A 64 29.23 -12.35 -5.52
C GLY A 64 29.35 -13.39 -6.62
N ASP A 65 28.20 -13.91 -7.04
CA ASP A 65 28.05 -14.65 -8.29
C ASP A 65 28.60 -13.77 -9.46
N PRO A 66 29.33 -14.35 -10.44
CA PRO A 66 29.99 -13.47 -11.47
C PRO A 66 29.07 -12.56 -12.30
N GLN A 67 27.86 -13.04 -12.61
CA GLN A 67 26.87 -12.17 -13.29
C GLN A 67 26.39 -10.98 -12.44
N CYS A 68 26.75 -10.94 -11.15
CA CYS A 68 26.27 -9.91 -10.20
C CYS A 68 27.36 -8.91 -9.78
N ASP A 69 28.50 -8.91 -10.46
CA ASP A 69 29.63 -8.02 -10.08
C ASP A 69 29.28 -6.54 -10.16
N GLY A 70 28.38 -6.19 -11.08
CA GLY A 70 27.89 -4.82 -11.21
C GLY A 70 27.14 -4.29 -9.99
N PHE A 71 26.66 -5.19 -9.12
CA PHE A 71 25.91 -4.79 -7.91
C PHE A 71 26.80 -4.42 -6.70
N GLN A 72 28.12 -4.60 -6.79
CA GLN A 72 28.95 -4.40 -5.60
C GLN A 72 28.72 -3.06 -4.96
N ASN A 73 28.49 -3.08 -3.65
CA ASN A 73 28.43 -1.88 -2.82
C ASN A 73 27.20 -0.99 -3.03
N LYS A 74 26.26 -1.43 -3.86
CA LYS A 74 25.05 -0.61 -4.13
C LYS A 74 24.07 -0.64 -2.98
N LYS A 75 23.23 0.40 -2.91
CA LYS A 75 22.17 0.55 -1.92
C LYS A 75 20.82 0.59 -2.65
N TRP A 76 19.75 0.44 -1.88
CA TRP A 76 18.38 0.49 -2.41
C TRP A 76 17.42 0.84 -1.31
N ASP A 77 16.30 1.42 -1.72
CA ASP A 77 15.07 1.39 -0.95
C ASP A 77 14.32 0.11 -1.25
N LEU A 78 14.24 -0.28 -2.53
CA LEU A 78 13.53 -1.50 -2.94
C LEU A 78 14.36 -2.29 -3.94
N PHE A 79 14.76 -3.50 -3.53
CA PHE A 79 15.40 -4.45 -4.39
C PHE A 79 14.33 -5.28 -5.11
N VAL A 80 14.39 -5.34 -6.44
CA VAL A 80 13.35 -6.05 -7.22
C VAL A 80 13.95 -7.33 -7.77
N GLU A 81 13.45 -8.48 -7.29
CA GLU A 81 13.91 -9.81 -7.70
C GLU A 81 13.01 -10.36 -8.79
N ARG A 82 13.64 -10.83 -9.87
CA ARG A 82 12.93 -11.25 -11.09
C ARG A 82 12.73 -12.75 -11.08
N SER A 83 11.62 -13.23 -11.64
CA SER A 83 11.35 -14.67 -11.66
C SER A 83 12.35 -15.44 -12.54
N LYS A 84 12.95 -14.79 -13.53
CA LYS A 84 13.96 -15.40 -14.41
C LYS A 84 15.33 -15.57 -13.75
N ALA A 85 15.55 -15.03 -12.54
CA ALA A 85 16.89 -15.06 -11.93
C ALA A 85 17.38 -16.49 -11.71
N TYR A 86 18.68 -16.70 -11.91
CA TYR A 86 19.26 -18.02 -11.76
C TYR A 86 20.66 -17.86 -11.22
N SER A 87 21.11 -18.83 -10.43
CA SER A 87 22.50 -18.91 -9.97
C SER A 87 23.40 -19.56 -11.01
N ASN A 88 24.64 -19.08 -11.09
CA ASN A 88 25.60 -19.57 -12.07
C ASN A 88 27.02 -19.70 -11.47
N CYS A 89 27.09 -20.19 -10.23
CA CYS A 89 28.37 -20.32 -9.54
C CYS A 89 28.39 -21.67 -8.84
N TYR A 90 29.22 -21.84 -7.83
CA TYR A 90 29.27 -23.12 -7.14
C TYR A 90 27.92 -23.38 -6.46
N PRO A 91 27.39 -24.61 -6.57
CA PRO A 91 26.09 -24.85 -5.98
C PRO A 91 26.10 -24.75 -4.45
N TYR A 92 25.11 -24.04 -3.90
CA TYR A 92 25.06 -23.77 -2.47
C TYR A 92 23.63 -23.80 -1.94
N ASP A 93 23.51 -23.96 -0.64
CA ASP A 93 22.29 -23.64 0.08
C ASP A 93 22.60 -22.76 1.29
N VAL A 94 21.54 -22.19 1.84
CA VAL A 94 21.61 -21.33 3.01
C VAL A 94 20.56 -21.83 3.99
N PRO A 95 20.99 -22.52 5.05
CA PRO A 95 20.01 -22.83 6.08
C PRO A 95 19.40 -21.50 6.58
N ASP A 96 18.09 -21.43 6.68
CA ASP A 96 17.35 -20.17 6.92
C ASP A 96 17.70 -19.04 5.90
N TYR A 97 17.69 -19.44 4.64
CA TYR A 97 17.77 -18.53 3.48
C TYR A 97 16.81 -17.34 3.62
N ALA A 98 15.55 -17.61 3.96
CA ALA A 98 14.58 -16.51 4.07
C ALA A 98 14.99 -15.44 5.06
N SER A 99 15.61 -15.82 6.16
CA SER A 99 16.05 -14.83 7.15
C SER A 99 17.24 -14.01 6.68
N LEU A 100 18.24 -14.64 6.05
CA LEU A 100 19.36 -13.87 5.51
C LEU A 100 18.90 -12.92 4.43
N ARG A 101 18.06 -13.40 3.53
CA ARG A 101 17.45 -12.53 2.51
C ARG A 101 16.73 -11.32 3.12
N SER A 102 15.93 -11.60 4.15
CA SER A 102 15.19 -10.57 4.81
C SER A 102 16.09 -9.55 5.50
N LEU A 103 17.09 -10.01 6.24
CA LEU A 103 17.89 -9.04 6.99
C LEU A 103 18.76 -8.15 6.07
N VAL A 104 19.24 -8.71 4.98
CA VAL A 104 20.01 -7.92 4.01
C VAL A 104 19.07 -6.95 3.30
N ALA A 105 17.88 -7.43 2.92
CA ALA A 105 16.89 -6.60 2.24
C ALA A 105 16.52 -5.38 3.06
N SER A 106 16.32 -5.58 4.36
CA SER A 106 15.94 -4.53 5.31
C SER A 106 17.10 -3.59 5.60
N SER A 107 18.33 -4.11 5.57
CA SER A 107 19.54 -3.29 5.75
C SER A 107 19.71 -2.31 4.58
N GLY A 108 19.44 -2.76 3.36
CA GLY A 108 19.41 -1.88 2.21
C GLY A 108 20.74 -1.53 1.57
N THR A 109 21.77 -2.34 1.85
CA THR A 109 23.11 -2.04 1.36
C THR A 109 23.92 -3.29 1.14
N LEU A 110 24.72 -3.26 0.08
CA LEU A 110 25.73 -4.28 -0.19
C LEU A 110 27.14 -3.79 0.08
N GLU A 111 27.28 -2.64 0.77
CA GLU A 111 28.60 -2.12 1.12
C GLU A 111 29.47 -3.16 1.83
N PHE A 112 30.68 -3.41 1.27
CA PHE A 112 31.56 -4.47 1.72
C PHE A 112 32.92 -3.86 1.95
N ASN A 113 33.56 -4.19 3.08
CA ASN A 113 34.92 -3.74 3.36
C ASN A 113 35.81 -4.97 3.49
N ASN A 114 36.85 -5.02 2.66
CA ASN A 114 37.84 -6.10 2.75
C ASN A 114 38.63 -6.04 4.03
N GLU A 115 38.99 -7.20 4.56
CA GLU A 115 39.85 -7.29 5.74
C GLU A 115 40.94 -8.32 5.48
N SER A 116 42.10 -8.08 6.09
CA SER A 116 43.25 -8.95 5.89
C SER A 116 43.29 -10.04 6.97
N PHE A 117 42.69 -11.19 6.66
CA PHE A 117 42.70 -12.34 7.56
C PHE A 117 44.02 -13.06 7.38
N ASN A 118 44.60 -13.50 8.49
CA ASN A 118 45.87 -14.19 8.42
C ASN A 118 45.64 -15.68 8.10
N TRP A 119 45.60 -16.02 6.81
CA TRP A 119 45.52 -17.43 6.41
C TRP A 119 46.91 -17.97 6.08
N THR A 120 47.65 -18.31 7.11
CA THR A 120 48.98 -18.89 6.88
C THR A 120 48.88 -20.42 6.87
N GLY A 121 49.57 -21.03 5.90
CA GLY A 121 49.70 -22.49 5.81
C GLY A 121 48.73 -23.19 4.86
N VAL A 122 47.81 -22.42 4.26
CA VAL A 122 46.82 -22.98 3.34
C VAL A 122 46.92 -22.30 1.98
N THR A 123 46.40 -22.96 0.95
CA THR A 123 46.22 -22.37 -0.36
C THR A 123 44.95 -21.51 -0.34
N GLN A 124 45.03 -20.27 -0.83
CA GLN A 124 43.82 -19.40 -0.89
C GLN A 124 43.24 -19.34 -2.29
N ASN A 125 42.09 -18.71 -2.41
CA ASN A 125 41.51 -18.35 -3.71
C ASN A 125 41.17 -19.56 -4.61
N GLY A 126 40.64 -20.62 -4.00
CA GLY A 126 40.20 -21.78 -4.78
C GLY A 126 39.10 -21.41 -5.75
N THR A 127 39.11 -22.04 -6.93
CA THR A 127 38.14 -21.73 -7.98
C THR A 127 37.54 -23.03 -8.55
N SER A 128 36.53 -22.88 -9.41
CA SER A 128 35.81 -24.00 -10.02
C SER A 128 35.28 -23.66 -11.43
N SER A 129 35.16 -24.68 -12.27
CA SER A 129 34.53 -24.54 -13.60
C SER A 129 33.02 -24.30 -13.52
N ALA A 130 32.42 -24.56 -12.37
CA ALA A 130 31.00 -24.23 -12.13
C ALA A 130 30.73 -22.72 -11.92
N CYS A 131 31.78 -21.91 -11.84
CA CYS A 131 31.67 -20.48 -11.57
C CYS A 131 32.62 -19.68 -12.44
N ILE A 132 32.23 -19.47 -13.70
CA ILE A 132 33.10 -18.84 -14.71
C ILE A 132 32.98 -17.32 -14.63
N ARG A 133 34.13 -16.66 -14.53
CA ARG A 133 34.27 -15.19 -14.58
C ARG A 133 35.33 -14.81 -15.61
N ARG A 134 34.95 -14.03 -16.62
CA ARG A 134 35.86 -13.69 -17.75
C ARG A 134 36.51 -14.95 -18.34
N SER A 135 35.67 -15.94 -18.66
CA SER A 135 36.09 -17.19 -19.29
C SER A 135 37.01 -18.12 -18.45
N ASN A 136 37.38 -17.72 -17.22
CA ASN A 136 38.25 -18.51 -16.36
C ASN A 136 37.44 -19.08 -15.20
N ASN A 137 37.90 -20.23 -14.69
CA ASN A 137 37.42 -20.76 -13.41
C ASN A 137 37.54 -19.68 -12.34
N SER A 138 36.52 -19.59 -11.49
CA SER A 138 36.46 -18.53 -10.50
C SER A 138 35.62 -18.99 -9.29
N PHE A 139 35.24 -18.04 -8.45
CA PHE A 139 34.47 -18.35 -7.26
C PHE A 139 33.68 -17.09 -6.88
N PHE A 140 32.79 -17.24 -5.90
CA PHE A 140 32.09 -16.10 -5.32
C PHE A 140 33.09 -15.02 -4.92
N SER A 141 32.85 -13.80 -5.36
CA SER A 141 33.81 -12.70 -5.12
C SER A 141 34.08 -12.40 -3.64
N ARG A 142 33.09 -12.59 -2.76
CA ARG A 142 33.24 -12.23 -1.35
C ARG A 142 33.69 -13.38 -0.44
N LEU A 143 33.98 -14.54 -1.02
CA LEU A 143 34.32 -15.72 -0.26
C LEU A 143 35.68 -16.24 -0.71
N ASN A 144 36.40 -16.89 0.19
CA ASN A 144 37.78 -17.33 -0.04
C ASN A 144 37.86 -18.82 0.23
N TRP A 145 37.90 -19.60 -0.85
CA TRP A 145 37.99 -21.08 -0.75
C TRP A 145 39.42 -21.51 -0.38
N LEU A 146 39.60 -21.94 0.88
CA LEU A 146 40.90 -22.35 1.40
C LEU A 146 41.06 -23.87 1.25
N THR A 147 42.24 -24.29 0.80
CA THR A 147 42.56 -25.72 0.65
C THR A 147 43.98 -26.02 1.15
N GLN A 148 44.33 -27.29 1.17
CA GLN A 148 45.65 -27.72 1.61
C GLN A 148 46.79 -27.05 0.83
N LEU A 149 47.95 -26.97 1.49
CA LEU A 149 49.17 -26.45 0.89
C LEU A 149 50.28 -27.41 1.30
N ASN A 150 50.99 -27.94 0.30
CA ASN A 150 52.06 -28.94 0.53
C ASN A 150 51.53 -30.15 1.34
N PHE A 151 50.34 -30.62 0.96
CA PHE A 151 49.68 -31.79 1.55
C PHE A 151 49.41 -31.67 3.06
N LYS A 152 49.33 -30.43 3.53
CA LYS A 152 49.04 -30.10 4.93
C LYS A 152 47.91 -29.06 4.97
N TYR A 153 47.07 -29.15 5.99
CA TYR A 153 46.10 -28.11 6.29
C TYR A 153 46.27 -27.86 7.79
N PRO A 154 47.13 -26.91 8.17
CA PRO A 154 47.35 -26.68 9.59
C PRO A 154 46.17 -25.92 10.16
N ALA A 155 45.83 -26.22 11.41
CA ALA A 155 44.61 -25.66 12.01
C ALA A 155 44.62 -24.14 11.95
N LEU A 156 43.45 -23.56 11.69
CA LEU A 156 43.29 -22.12 11.59
C LEU A 156 42.70 -21.62 12.90
N ASN A 157 43.26 -20.52 13.40
CA ASN A 157 42.81 -19.93 14.64
C ASN A 157 43.03 -18.42 14.54
N VAL A 158 42.02 -17.74 14.00
CA VAL A 158 42.17 -16.40 13.47
C VAL A 158 41.13 -15.48 14.09
N THR A 159 41.56 -14.26 14.40
CA THR A 159 40.78 -13.29 15.13
C THR A 159 40.60 -12.03 14.24
N MET A 160 39.42 -11.40 14.31
CA MET A 160 39.21 -10.09 13.68
C MET A 160 38.39 -9.19 14.62
N PRO A 161 39.05 -8.22 15.28
CA PRO A 161 38.28 -7.35 16.19
C PRO A 161 37.39 -6.36 15.42
N ASN A 162 36.26 -6.04 16.03
CA ASN A 162 35.44 -4.94 15.57
C ASN A 162 35.72 -3.72 16.44
N ASN A 163 36.56 -2.83 15.93
CA ASN A 163 36.86 -1.54 16.57
C ASN A 163 36.17 -0.38 15.86
N GLU A 164 35.09 -0.68 15.14
CA GLU A 164 34.30 0.33 14.47
C GLU A 164 33.23 0.77 15.44
N GLN A 165 32.45 1.77 15.03
CA GLN A 165 31.30 2.22 15.80
C GLN A 165 29.99 1.69 15.18
N PHE A 166 30.07 0.66 14.33
CA PHE A 166 28.90 0.01 13.71
C PHE A 166 29.06 -1.51 13.74
N ASP A 167 27.96 -2.22 13.48
CA ASP A 167 27.97 -3.68 13.42
C ASP A 167 28.53 -4.16 12.08
N LYS A 168 29.17 -5.32 12.12
CA LYS A 168 29.67 -5.97 10.92
C LYS A 168 28.89 -7.26 10.66
N LEU A 169 28.51 -7.48 9.41
CA LEU A 169 27.91 -8.74 9.00
C LEU A 169 28.92 -9.57 8.24
N TYR A 170 29.20 -10.78 8.75
CA TYR A 170 30.13 -11.70 8.08
C TYR A 170 29.37 -12.86 7.44
N ILE A 171 29.68 -13.14 6.18
CA ILE A 171 29.17 -14.29 5.45
C ILE A 171 30.29 -15.28 5.17
N TRP A 172 30.04 -16.54 5.49
CA TRP A 172 31.06 -17.59 5.42
C TRP A 172 30.34 -18.90 5.12
N GLY A 173 31.08 -19.98 4.95
CA GLY A 173 30.44 -21.25 4.62
C GLY A 173 31.25 -22.48 4.93
N VAL A 174 30.66 -23.63 4.61
CA VAL A 174 31.29 -24.93 4.75
C VAL A 174 31.13 -25.66 3.44
N HIS A 175 32.21 -26.26 2.99
CA HIS A 175 32.19 -27.09 1.79
C HIS A 175 31.89 -28.52 2.21
N HIS A 176 30.90 -29.13 1.56
CA HIS A 176 30.54 -30.53 1.77
C HIS A 176 31.05 -31.35 0.57
N PRO A 177 32.22 -32.03 0.73
CA PRO A 177 32.74 -32.80 -0.39
C PRO A 177 31.92 -34.04 -0.71
N VAL A 178 31.95 -34.40 -1.99
CA VAL A 178 31.20 -35.53 -2.51
C VAL A 178 31.64 -36.88 -1.93
N THR A 179 32.95 -37.03 -1.70
CA THR A 179 33.54 -38.29 -1.20
C THR A 179 34.61 -38.06 -0.13
N ASP A 180 34.89 -39.14 0.60
CA ASP A 180 35.94 -39.17 1.62
C ASP A 180 37.30 -38.93 0.98
N LYS A 181 37.46 -39.37 -0.26
CA LYS A 181 38.68 -39.14 -1.04
C LYS A 181 38.84 -37.67 -1.43
N ASP A 182 37.77 -37.04 -1.91
CA ASP A 182 37.83 -35.61 -2.23
C ASP A 182 38.08 -34.78 -0.97
N GLN A 183 37.57 -35.23 0.18
CA GLN A 183 37.88 -34.59 1.48
C GLN A 183 39.40 -34.51 1.67
N ILE A 184 40.10 -35.61 1.37
CA ILE A 184 41.56 -35.70 1.54
C ILE A 184 42.28 -34.83 0.54
N PHE A 185 41.90 -34.93 -0.73
CA PHE A 185 42.52 -34.12 -1.81
C PHE A 185 42.49 -32.62 -1.50
N LEU A 186 41.36 -32.16 -0.97
CA LEU A 186 41.19 -30.75 -0.69
C LEU A 186 41.77 -30.31 0.64
N TYR A 187 41.54 -31.08 1.71
CA TYR A 187 41.82 -30.61 3.08
C TYR A 187 42.84 -31.45 3.88
N ALA A 188 43.38 -32.49 3.26
CA ALA A 188 44.46 -33.32 3.82
C ALA A 188 44.04 -34.28 4.95
N GLN A 189 43.11 -33.88 5.83
CA GLN A 189 42.59 -34.78 6.87
C GLN A 189 41.17 -35.26 6.54
N SER A 190 40.82 -36.39 7.13
CA SER A 190 39.61 -37.13 6.77
C SER A 190 38.32 -36.45 7.22
N SER A 191 38.41 -35.53 8.18
CA SER A 191 37.24 -34.87 8.75
C SER A 191 37.55 -33.41 9.08
N GLY A 192 36.74 -32.48 8.56
CA GLY A 192 36.85 -31.06 8.90
C GLY A 192 35.89 -30.66 10.01
N ARG A 193 36.15 -29.51 10.61
CA ARG A 193 35.31 -28.91 11.65
C ARG A 193 35.48 -27.41 11.59
N ILE A 194 34.40 -26.65 11.84
CA ILE A 194 34.47 -25.19 11.89
C ILE A 194 33.79 -24.70 13.16
N THR A 195 34.45 -23.77 13.86
CA THR A 195 33.83 -23.04 14.97
C THR A 195 34.03 -21.55 14.71
N VAL A 196 32.92 -20.82 14.64
CA VAL A 196 32.94 -19.37 14.44
C VAL A 196 32.22 -18.77 15.63
N SER A 197 32.90 -17.91 16.38
CA SER A 197 32.37 -17.39 17.63
C SER A 197 32.70 -15.93 17.86
N THR A 198 31.92 -15.36 18.78
CA THR A 198 32.14 -14.03 19.32
C THR A 198 32.04 -14.20 20.81
N LYS A 199 32.14 -13.10 21.55
CA LYS A 199 31.87 -13.10 22.99
C LYS A 199 30.41 -13.44 23.33
N ARG A 200 29.50 -13.21 22.38
CA ARG A 200 28.06 -13.36 22.64
C ARG A 200 27.38 -14.47 21.82
N SER A 201 28.14 -15.21 21.02
CA SER A 201 27.55 -16.26 20.18
C SER A 201 28.57 -17.31 19.75
N GLN A 202 28.08 -18.50 19.41
CA GLN A 202 28.92 -19.53 18.82
C GLN A 202 28.14 -20.35 17.77
N GLN A 203 28.84 -20.79 16.72
CA GLN A 203 28.27 -21.61 15.64
C GLN A 203 29.29 -22.67 15.27
N ALA A 204 28.90 -23.92 15.38
CA ALA A 204 29.79 -25.05 15.11
C ALA A 204 29.16 -25.85 13.98
N VAL A 205 29.93 -26.09 12.92
CA VAL A 205 29.47 -26.81 11.73
C VAL A 205 30.43 -27.93 11.37
N ILE A 206 29.88 -29.09 11.05
CA ILE A 206 30.64 -30.25 10.58
C ILE A 206 30.20 -30.48 9.15
N PRO A 207 31.14 -30.68 8.21
CA PRO A 207 30.74 -31.09 6.86
C PRO A 207 30.09 -32.47 6.83
N ASN A 208 29.24 -32.67 5.82
CA ASN A 208 28.50 -33.90 5.59
C ASN A 208 28.90 -34.41 4.20
N ILE A 209 29.74 -35.44 4.19
CA ILE A 209 30.26 -36.00 2.94
C ILE A 209 29.17 -36.81 2.21
N GLY A 210 29.05 -36.64 0.89
CA GLY A 210 28.09 -37.40 0.10
C GLY A 210 27.77 -36.86 -1.27
N TYR A 211 27.16 -37.71 -2.10
CA TYR A 211 26.70 -37.31 -3.43
C TYR A 211 25.40 -36.53 -3.36
N ARG A 212 25.37 -35.38 -4.05
CA ARG A 212 24.13 -34.67 -4.38
C ARG A 212 23.99 -34.68 -5.91
N PRO A 213 22.77 -34.45 -6.43
CA PRO A 213 22.62 -34.36 -7.89
C PRO A 213 23.53 -33.28 -8.46
N ARG A 214 24.13 -33.55 -9.62
N ARG A 214 24.14 -33.55 -9.61
CA ARG A 214 25.08 -32.61 -10.21
CA ARG A 214 25.11 -32.61 -10.17
C ARG A 214 24.43 -31.30 -10.64
C ARG A 214 24.45 -31.32 -10.65
N ILE A 215 25.09 -30.19 -10.33
CA ILE A 215 24.69 -28.88 -10.80
C ILE A 215 25.97 -28.29 -11.39
N ARG A 216 25.94 -27.93 -12.68
CA ARG A 216 27.15 -27.49 -13.40
C ARG A 216 28.32 -28.46 -13.16
N ASN A 217 27.97 -29.74 -13.24
CA ASN A 217 28.90 -30.85 -13.08
C ASN A 217 29.48 -31.04 -11.67
N ILE A 218 28.84 -30.46 -10.66
CA ILE A 218 29.32 -30.50 -9.29
C ILE A 218 28.33 -31.27 -8.42
N PRO A 219 28.75 -32.41 -7.85
CA PRO A 219 27.94 -33.17 -6.90
C PRO A 219 28.21 -32.84 -5.42
N SER A 220 29.18 -31.94 -5.14
CA SER A 220 29.36 -31.43 -3.78
CA SER A 220 29.42 -31.39 -3.80
C SER A 220 28.51 -30.18 -3.59
N ARG A 221 28.51 -29.63 -2.37
CA ARG A 221 27.71 -28.41 -2.05
C ARG A 221 28.46 -27.53 -1.05
N ILE A 222 28.10 -26.25 -1.02
CA ILE A 222 28.52 -25.33 0.01
C ILE A 222 27.27 -24.91 0.79
N SER A 223 27.36 -24.87 2.12
CA SER A 223 26.31 -24.33 2.97
C SER A 223 26.79 -22.98 3.55
N ILE A 224 25.94 -21.96 3.44
CA ILE A 224 26.27 -20.60 3.85
C ILE A 224 25.72 -20.26 5.24
N TYR A 225 26.54 -19.56 6.03
CA TYR A 225 26.20 -19.11 7.38
C TYR A 225 26.53 -17.64 7.52
N TRP A 226 26.01 -17.00 8.57
CA TRP A 226 26.37 -15.62 8.85
C TRP A 226 26.52 -15.34 10.31
N THR A 227 27.25 -14.27 10.61
CA THR A 227 27.55 -13.88 11.99
C THR A 227 27.62 -12.36 12.06
N ILE A 228 26.89 -11.77 13.02
CA ILE A 228 26.99 -10.33 13.28
C ILE A 228 27.96 -10.10 14.45
N VAL A 229 28.85 -9.12 14.30
CA VAL A 229 29.82 -8.77 15.32
C VAL A 229 29.62 -7.30 15.71
N LYS A 230 29.35 -7.06 17.00
CA LYS A 230 29.04 -5.72 17.50
C LYS A 230 30.35 -4.98 17.81
N PRO A 231 30.30 -3.63 17.91
CA PRO A 231 31.48 -2.85 18.35
C PRO A 231 32.06 -3.35 19.66
N GLY A 232 33.39 -3.46 19.71
CA GLY A 232 34.08 -3.98 20.88
C GLY A 232 34.07 -5.49 21.00
N ASP A 233 33.34 -6.20 20.13
CA ASP A 233 33.41 -7.67 20.07
C ASP A 233 34.45 -8.09 19.02
N ILE A 234 34.63 -9.40 18.88
CA ILE A 234 35.70 -10.00 18.08
C ILE A 234 35.15 -11.24 17.37
N LEU A 235 35.45 -11.42 16.08
CA LEU A 235 35.16 -12.68 15.40
C LEU A 235 36.35 -13.65 15.56
N LEU A 236 36.06 -14.88 15.96
CA LEU A 236 37.09 -15.93 16.10
C LEU A 236 36.71 -17.13 15.25
N ILE A 237 37.53 -17.43 14.25
CA ILE A 237 37.35 -18.57 13.36
C ILE A 237 38.42 -19.61 13.71
N ASN A 238 37.98 -20.80 14.08
CA ASN A 238 38.84 -21.90 14.55
C ASN A 238 38.42 -23.10 13.70
N SER A 239 39.31 -23.59 12.82
CA SER A 239 38.93 -24.63 11.84
C SER A 239 40.09 -25.52 11.39
N THR A 240 39.81 -26.81 11.24
CA THR A 240 40.80 -27.80 10.77
C THR A 240 40.52 -28.31 9.34
N GLY A 241 39.63 -27.63 8.62
CA GLY A 241 39.29 -27.99 7.25
C GLY A 241 37.90 -27.52 6.82
N ASN A 242 37.68 -27.44 5.51
CA ASN A 242 36.36 -27.23 4.88
C ASN A 242 35.75 -25.83 4.98
N LEU A 243 36.51 -24.87 5.52
CA LEU A 243 36.03 -23.51 5.67
C LEU A 243 36.03 -22.81 4.32
N ILE A 244 34.89 -22.20 3.99
CA ILE A 244 34.79 -21.21 2.93
C ILE A 244 34.80 -19.88 3.68
N ALA A 245 35.94 -19.18 3.62
CA ALA A 245 36.22 -18.04 4.50
C ALA A 245 35.64 -16.72 4.00
N PRO A 246 35.32 -15.79 4.93
CA PRO A 246 34.93 -14.44 4.53
C PRO A 246 36.16 -13.66 4.03
N ARG A 247 35.97 -12.67 3.16
CA ARG A 247 37.05 -11.76 2.75
C ARG A 247 36.99 -10.42 3.49
N GLY A 248 35.99 -10.26 4.35
CA GLY A 248 35.69 -8.98 4.95
C GLY A 248 34.27 -8.99 5.46
N TYR A 249 33.68 -7.81 5.62
CA TYR A 249 32.35 -7.72 6.18
C TYR A 249 31.47 -6.80 5.38
N PHE A 250 30.17 -7.01 5.54
CA PHE A 250 29.17 -6.10 5.00
C PHE A 250 28.75 -5.16 6.11
N LYS A 251 28.45 -3.92 5.74
CA LYS A 251 27.88 -2.98 6.67
C LYS A 251 26.44 -3.40 6.84
N ILE A 252 25.91 -3.23 8.04
CA ILE A 252 24.54 -3.52 8.28
C ILE A 252 23.91 -2.20 8.79
N ARG A 253 22.88 -1.74 8.08
CA ARG A 253 22.22 -0.47 8.37
C ARG A 253 20.81 -0.79 8.85
N SER A 254 20.16 0.18 9.48
CA SER A 254 18.72 0.10 9.67
C SER A 254 18.03 1.25 8.98
N GLY A 255 16.83 0.96 8.48
CA GLY A 255 16.05 1.97 7.75
C GLY A 255 14.87 1.33 7.07
N LYS A 256 14.43 1.94 5.98
CA LYS A 256 13.14 1.65 5.35
C LYS A 256 13.27 0.72 4.17
N SER A 257 14.41 0.06 3.98
CA SER A 257 14.58 -0.75 2.78
C SER A 257 13.83 -2.09 2.80
N SER A 258 13.55 -2.63 1.61
CA SER A 258 12.88 -3.92 1.46
C SER A 258 13.22 -4.58 0.11
N ILE A 259 12.54 -5.68 -0.16
CA ILE A 259 12.70 -6.51 -1.35
C ILE A 259 11.32 -6.93 -1.82
N MET A 260 11.16 -7.03 -3.14
CA MET A 260 9.88 -7.40 -3.74
C MET A 260 10.12 -8.31 -4.93
N ARG A 261 9.31 -9.36 -5.05
CA ARG A 261 9.31 -10.20 -6.25
C ARG A 261 8.36 -9.63 -7.27
N SER A 262 8.89 -9.31 -8.46
CA SER A 262 8.08 -8.73 -9.52
C SER A 262 8.74 -8.90 -10.87
N ASP A 263 7.92 -9.09 -11.90
CA ASP A 263 8.40 -9.05 -13.28
C ASP A 263 8.00 -7.77 -14.03
N ALA A 264 7.50 -6.76 -13.32
CA ALA A 264 7.11 -5.52 -13.96
C ALA A 264 8.36 -4.74 -14.39
N PRO A 265 8.34 -4.16 -15.60
CA PRO A 265 9.48 -3.34 -16.02
C PRO A 265 9.63 -2.07 -15.17
N ILE A 266 10.87 -1.58 -15.07
CA ILE A 266 11.10 -0.32 -14.38
C ILE A 266 10.85 0.80 -15.37
N GLY A 267 10.08 1.82 -14.97
CA GLY A 267 9.80 2.97 -15.79
C GLY A 267 10.42 4.26 -15.30
N LYS A 268 10.61 5.20 -16.21
CA LYS A 268 11.07 6.54 -15.84
C LYS A 268 9.87 7.37 -15.54
N CYS A 269 9.48 7.40 -14.26
CA CYS A 269 8.24 8.03 -13.82
C CYS A 269 8.31 8.13 -12.31
N ASN A 270 7.32 8.80 -11.72
CA ASN A 270 7.33 9.13 -10.31
C ASN A 270 6.02 8.69 -9.67
N SER A 271 6.10 7.74 -8.76
CA SER A 271 4.93 7.24 -8.03
C SER A 271 5.30 6.70 -6.64
N GLU A 272 4.58 7.15 -5.62
CA GLU A 272 4.90 6.77 -4.23
C GLU A 272 4.66 5.28 -3.92
N CYS A 273 3.59 4.69 -4.46
CA CYS A 273 3.16 3.33 -4.08
C CYS A 273 3.55 2.29 -5.11
N ILE A 274 4.31 1.29 -4.67
CA ILE A 274 4.74 0.18 -5.50
C ILE A 274 4.04 -1.11 -5.08
N THR A 275 3.56 -1.85 -6.09
CA THR A 275 3.08 -3.22 -5.96
C THR A 275 3.83 -4.09 -6.99
N PRO A 276 3.78 -5.43 -6.84
CA PRO A 276 4.41 -6.31 -7.85
C PRO A 276 3.82 -6.15 -9.26
N ASN A 277 2.59 -5.65 -9.36
CA ASN A 277 1.93 -5.42 -10.65
C ASN A 277 2.45 -4.16 -11.35
N GLY A 278 3.09 -3.28 -10.58
CA GLY A 278 3.46 -1.95 -11.02
C GLY A 278 3.07 -0.93 -9.98
N SER A 279 3.48 0.31 -10.21
CA SER A 279 3.13 1.39 -9.32
C SER A 279 1.62 1.67 -9.43
N ILE A 280 1.01 2.08 -8.33
CA ILE A 280 -0.41 2.47 -8.32
C ILE A 280 -0.58 3.87 -7.79
N PRO A 281 -1.56 4.60 -8.31
CA PRO A 281 -1.90 5.89 -7.69
C PRO A 281 -2.33 5.71 -6.23
N ASN A 282 -2.05 6.70 -5.37
CA ASN A 282 -2.36 6.56 -3.96
C ASN A 282 -3.35 7.60 -3.43
N ASP A 283 -4.19 8.12 -4.32
CA ASP A 283 -5.21 9.10 -3.91
C ASP A 283 -6.32 8.42 -3.08
N LYS A 284 -6.69 7.20 -3.45
CA LYS A 284 -7.79 6.48 -2.77
C LYS A 284 -7.33 5.82 -1.47
N PRO A 285 -8.25 5.59 -0.51
CA PRO A 285 -7.84 5.00 0.77
C PRO A 285 -7.61 3.48 0.70
N PHE A 286 -8.21 2.81 -0.29
CA PHE A 286 -8.18 1.37 -0.42
C PHE A 286 -7.76 0.97 -1.82
N GLN A 287 -7.34 -0.28 -1.95
CA GLN A 287 -6.93 -0.84 -3.23
C GLN A 287 -7.12 -2.34 -3.23
N ASN A 288 -7.36 -2.91 -4.41
CA ASN A 288 -7.48 -4.38 -4.52
CA ASN A 288 -7.56 -4.34 -4.59
C ASN A 288 -6.52 -4.92 -5.58
N VAL A 289 -5.44 -4.20 -5.81
CA VAL A 289 -4.43 -4.60 -6.79
C VAL A 289 -3.56 -5.74 -6.23
N ASN A 290 -2.98 -5.53 -5.07
CA ASN A 290 -2.07 -6.51 -4.49
C ASN A 290 -1.91 -6.30 -2.98
N ARG A 291 -1.90 -7.39 -2.23
N ARG A 291 -1.90 -7.40 -2.24
CA ARG A 291 -1.64 -7.31 -0.79
CA ARG A 291 -1.63 -7.34 -0.79
C ARG A 291 -0.18 -6.96 -0.49
C ARG A 291 -0.18 -6.97 -0.50
N ILE A 292 0.69 -7.15 -1.48
CA ILE A 292 2.13 -6.81 -1.34
C ILE A 292 2.28 -5.38 -1.81
N THR A 293 2.76 -4.52 -0.92
CA THR A 293 3.00 -3.10 -1.23
C THR A 293 4.27 -2.54 -0.58
N TYR A 294 4.76 -1.45 -1.14
CA TYR A 294 5.87 -0.69 -0.58
C TYR A 294 5.63 0.80 -0.81
N GLY A 295 5.79 1.60 0.23
CA GLY A 295 5.60 3.04 0.13
C GLY A 295 4.26 3.49 0.70
N ALA A 296 3.89 4.73 0.37
CA ALA A 296 2.66 5.33 0.85
C ALA A 296 1.54 4.82 -0.02
N CYS A 297 0.82 3.81 0.48
CA CYS A 297 -0.10 3.01 -0.34
C CYS A 297 -1.50 2.96 0.27
N PRO A 298 -2.53 2.91 -0.59
CA PRO A 298 -3.85 2.56 -0.07
C PRO A 298 -3.82 1.16 0.57
N ARG A 299 -4.76 0.93 1.48
CA ARG A 299 -4.82 -0.34 2.19
C ARG A 299 -5.50 -1.38 1.32
N TYR A 300 -4.96 -2.62 1.32
CA TYR A 300 -5.54 -3.71 0.55
C TYR A 300 -6.86 -4.20 1.15
N VAL A 301 -7.89 -4.29 0.31
CA VAL A 301 -9.15 -4.86 0.67
C VAL A 301 -9.63 -5.85 -0.39
N LYS A 302 -10.60 -6.69 -0.02
CA LYS A 302 -11.19 -7.66 -0.95
C LYS A 302 -12.17 -7.10 -1.95
N GLN A 303 -12.85 -6.01 -1.61
CA GLN A 303 -13.82 -5.39 -2.51
C GLN A 303 -13.14 -4.85 -3.79
N SER A 304 -13.83 -4.99 -4.92
CA SER A 304 -13.29 -4.42 -6.18
C SER A 304 -13.79 -2.99 -6.43
N THR A 305 -14.78 -2.56 -5.65
CA THR A 305 -15.35 -1.21 -5.75
C THR A 305 -16.07 -0.88 -4.44
N LEU A 306 -15.91 0.36 -4.01
CA LEU A 306 -16.64 0.93 -2.88
C LEU A 306 -16.95 2.39 -3.22
N LYS A 307 -18.22 2.68 -3.46
CA LYS A 307 -18.63 4.00 -3.91
C LYS A 307 -19.10 4.87 -2.76
N LEU A 308 -18.42 6.00 -2.57
CA LEU A 308 -18.78 7.00 -1.58
C LEU A 308 -19.71 8.04 -2.21
N ALA A 309 -20.89 8.20 -1.64
CA ALA A 309 -21.81 9.21 -2.10
C ALA A 309 -21.20 10.61 -1.90
N THR A 310 -21.34 11.44 -2.92
CA THR A 310 -20.87 12.82 -2.88
C THR A 310 -22.01 13.77 -3.28
N GLY A 311 -23.25 13.30 -3.17
CA GLY A 311 -24.47 14.08 -3.45
C GLY A 311 -25.67 13.45 -2.76
N MET A 312 -26.79 14.15 -2.84
CA MET A 312 -28.02 13.71 -2.22
C MET A 312 -28.68 12.56 -2.99
N ARG A 313 -29.70 11.98 -2.37
CA ARG A 313 -30.58 11.04 -3.03
C ARG A 313 -31.06 11.64 -4.36
N ASN A 314 -31.00 10.84 -5.44
CA ASN A 314 -31.44 11.29 -6.73
C ASN A 314 -32.90 10.87 -6.98
N VAL A 315 -33.77 11.83 -7.25
CA VAL A 315 -35.21 11.59 -7.37
C VAL A 315 -35.63 12.24 -8.69
N PRO A 316 -35.46 11.52 -9.79
CA PRO A 316 -35.72 12.12 -11.12
C PRO A 316 -37.20 12.43 -11.30
N GLU A 317 -37.53 13.38 -12.18
CA GLU A 317 -38.92 13.68 -12.56
C GLU A 317 -39.57 12.48 -13.27
N GLY B 1 -35.38 9.22 3.48
CA GLY B 1 -34.41 9.86 4.42
C GLY B 1 -35.09 10.13 5.75
N ILE B 2 -34.28 10.39 6.76
CA ILE B 2 -34.77 10.37 8.13
C ILE B 2 -35.52 11.66 8.45
N PHE B 3 -35.34 12.71 7.64
CA PHE B 3 -36.09 13.97 7.78
C PHE B 3 -37.34 14.10 6.92
N GLY B 4 -37.56 13.17 6.00
CA GLY B 4 -38.80 13.10 5.26
C GLY B 4 -39.08 14.12 4.18
N ALA B 5 -38.07 14.90 3.76
CA ALA B 5 -38.27 15.88 2.72
C ALA B 5 -37.89 15.32 1.35
N ILE B 6 -36.61 14.99 1.15
CA ILE B 6 -36.12 14.47 -0.14
C ILE B 6 -36.60 13.03 -0.25
N ALA B 7 -37.20 12.70 -1.39
CA ALA B 7 -37.91 11.43 -1.58
C ALA B 7 -39.02 11.25 -0.50
N GLY B 8 -39.61 12.36 -0.08
CA GLY B 8 -40.61 12.37 0.99
C GLY B 8 -41.72 13.30 0.58
N PHE B 9 -41.93 14.37 1.35
CA PHE B 9 -42.98 15.33 1.05
C PHE B 9 -42.68 16.22 -0.18
N ILE B 10 -41.41 16.35 -0.56
CA ILE B 10 -41.06 16.91 -1.87
CA ILE B 10 -41.00 16.91 -1.87
C ILE B 10 -41.11 15.72 -2.82
N GLU B 11 -42.08 15.74 -3.75
CA GLU B 11 -42.34 14.59 -4.61
C GLU B 11 -41.11 14.13 -5.44
N ASN B 12 -40.38 15.08 -6.01
CA ASN B 12 -39.18 14.76 -6.77
C ASN B 12 -38.24 15.93 -6.87
N GLY B 13 -37.06 15.67 -7.43
CA GLY B 13 -36.09 16.71 -7.70
C GLY B 13 -36.33 17.41 -9.03
N TRP B 14 -35.49 18.40 -9.27
CA TRP B 14 -35.58 19.29 -10.42
C TRP B 14 -34.32 19.12 -11.27
N GLU B 15 -34.44 18.39 -12.37
CA GLU B 15 -33.33 18.21 -13.30
C GLU B 15 -32.87 19.52 -13.95
N GLY B 16 -33.79 20.48 -14.07
CA GLY B 16 -33.47 21.79 -14.63
C GLY B 16 -32.82 22.78 -13.68
N MET B 17 -32.62 22.42 -12.40
CA MET B 17 -31.81 23.26 -11.51
C MET B 17 -30.36 22.81 -11.61
N VAL B 18 -29.56 23.54 -12.39
CA VAL B 18 -28.17 23.19 -12.58
C VAL B 18 -27.17 24.14 -11.90
N ASP B 19 -27.64 25.21 -11.25
CA ASP B 19 -26.74 26.18 -10.61
C ASP B 19 -26.81 26.15 -9.08
N GLY B 20 -27.44 25.12 -8.55
CA GLY B 20 -27.44 24.89 -7.12
C GLY B 20 -28.06 23.56 -6.80
N TRP B 21 -27.98 23.18 -5.53
CA TRP B 21 -28.53 21.91 -5.07
C TRP B 21 -29.93 22.05 -4.49
N TYR B 22 -30.24 23.21 -3.94
CA TYR B 22 -31.54 23.51 -3.37
C TYR B 22 -31.96 24.87 -3.90
N GLY B 23 -33.26 25.09 -3.94
CA GLY B 23 -33.75 26.40 -4.38
C GLY B 23 -35.24 26.54 -4.35
N PHE B 24 -35.69 27.54 -5.12
CA PHE B 24 -37.04 28.03 -5.12
C PHE B 24 -37.58 28.07 -6.54
N ARG B 25 -38.82 27.62 -6.69
CA ARG B 25 -39.63 27.90 -7.88
C ARG B 25 -40.89 28.67 -7.48
N HIS B 26 -41.27 29.67 -8.28
CA HIS B 26 -42.43 30.46 -7.94
C HIS B 26 -43.36 30.62 -9.13
N GLN B 27 -44.62 30.93 -8.82
CA GLN B 27 -45.58 31.47 -9.79
C GLN B 27 -46.24 32.69 -9.18
N ASN B 28 -46.30 33.78 -9.95
CA ASN B 28 -46.95 35.02 -9.49
C ASN B 28 -47.53 35.77 -10.69
N SER B 29 -47.94 37.03 -10.46
CA SER B 29 -48.45 37.96 -11.46
C SER B 29 -47.56 38.24 -12.67
N GLU B 30 -46.27 37.98 -12.58
CA GLU B 30 -45.31 38.28 -13.63
C GLU B 30 -44.76 37.04 -14.35
N GLY B 31 -45.13 35.83 -13.88
CA GLY B 31 -44.67 34.59 -14.53
C GLY B 31 -44.26 33.53 -13.53
N ARG B 32 -43.41 32.64 -14.00
CA ARG B 32 -42.93 31.58 -13.13
C ARG B 32 -41.44 31.43 -13.28
N GLY B 33 -40.75 31.13 -12.19
CA GLY B 33 -39.31 31.17 -12.26
C GLY B 33 -38.65 30.24 -11.26
N GLN B 34 -37.34 30.15 -11.40
CA GLN B 34 -36.49 29.29 -10.53
C GLN B 34 -35.30 30.08 -10.10
N ALA B 35 -34.84 29.88 -8.84
CA ALA B 35 -33.55 30.43 -8.40
C ALA B 35 -32.91 29.48 -7.39
N ALA B 36 -31.61 29.26 -7.53
CA ALA B 36 -30.88 28.44 -6.53
C ALA B 36 -30.69 29.19 -5.22
N ASP B 37 -30.67 28.44 -4.11
CA ASP B 37 -30.31 28.98 -2.79
C ASP B 37 -28.85 28.60 -2.54
N LEU B 38 -27.99 29.61 -2.45
CA LEU B 38 -26.54 29.32 -2.36
CA LEU B 38 -26.53 29.42 -2.32
C LEU B 38 -26.09 28.87 -0.96
N LYS B 39 -26.68 29.41 0.11
CA LYS B 39 -26.29 29.06 1.47
C LYS B 39 -26.54 27.59 1.83
N SER B 40 -27.74 27.10 1.53
CA SER B 40 -28.07 25.67 1.75
C SER B 40 -27.18 24.76 0.87
N THR B 41 -27.01 25.13 -0.40
CA THR B 41 -26.14 24.40 -1.31
C THR B 41 -24.73 24.28 -0.73
N GLN B 42 -24.17 25.42 -0.31
CA GLN B 42 -22.83 25.46 0.24
C GLN B 42 -22.69 24.69 1.53
N ALA B 43 -23.71 24.71 2.40
CA ALA B 43 -23.70 23.96 3.64
C ALA B 43 -23.55 22.46 3.41
N ALA B 44 -24.33 21.93 2.47
CA ALA B 44 -24.25 20.51 2.09
C ALA B 44 -22.89 20.17 1.46
N ILE B 45 -22.44 20.98 0.51
CA ILE B 45 -21.18 20.77 -0.17
C ILE B 45 -19.98 20.80 0.83
N ASP B 46 -19.99 21.76 1.75
CA ASP B 46 -18.91 21.87 2.74
C ASP B 46 -18.82 20.61 3.60
N GLN B 47 -19.97 20.04 3.98
CA GLN B 47 -19.97 18.81 4.78
C GLN B 47 -19.41 17.63 4.01
N ILE B 48 -19.79 17.53 2.74
CA ILE B 48 -19.32 16.43 1.91
C ILE B 48 -17.83 16.61 1.66
N ASN B 49 -17.40 17.83 1.36
CA ASN B 49 -15.97 18.07 1.17
C ASN B 49 -15.13 17.73 2.44
N GLY B 50 -15.72 17.96 3.60
CA GLY B 50 -15.08 17.60 4.88
C GLY B 50 -14.86 16.10 5.01
N LYS B 51 -15.85 15.29 4.63
CA LYS B 51 -15.64 13.84 4.54
C LYS B 51 -14.55 13.45 3.58
N LEU B 52 -14.61 13.98 2.36
CA LEU B 52 -13.60 13.68 1.34
C LEU B 52 -12.19 14.00 1.82
N ASN B 53 -12.05 15.13 2.52
CA ASN B 53 -10.76 15.56 3.04
C ASN B 53 -10.16 14.53 4.03
N ARG B 54 -11.00 13.86 4.80
N ARG B 54 -11.00 13.85 4.80
CA ARG B 54 -10.53 12.79 5.69
CA ARG B 54 -10.57 12.73 5.65
C ARG B 54 -10.08 11.51 4.96
C ARG B 54 -10.03 11.52 4.92
N LEU B 55 -10.61 11.23 3.75
CA LEU B 55 -10.41 9.96 3.05
C LEU B 55 -9.50 9.93 1.82
N ILE B 56 -9.36 11.06 1.12
CA ILE B 56 -8.61 11.13 -0.15
C ILE B 56 -7.22 11.73 0.08
N GLY B 57 -6.19 11.09 -0.49
CA GLY B 57 -4.82 11.57 -0.39
C GLY B 57 -4.20 11.45 1.01
N LYS B 58 -4.61 10.45 1.77
CA LYS B 58 -4.20 10.34 3.19
C LYS B 58 -3.50 9.01 3.49
N THR B 59 -2.85 8.41 2.49
CA THR B 59 -2.30 7.06 2.68
C THR B 59 -1.11 7.06 3.67
N ASN B 60 -0.94 5.85 4.18
CA ASN B 60 0.02 5.49 5.22
CA ASN B 60 -0.01 5.43 5.21
C ASN B 60 1.19 4.72 4.57
N GLU B 61 2.43 5.08 4.95
CA GLU B 61 3.65 4.40 4.49
C GLU B 61 4.03 3.12 5.25
N LYS B 62 4.20 2.00 4.54
CA LYS B 62 4.81 0.80 5.10
C LYS B 62 6.00 0.34 4.25
N PHE B 63 6.95 -0.31 4.90
CA PHE B 63 8.19 -0.65 4.23
C PHE B 63 8.43 -2.16 4.25
N HIS B 64 9.45 -2.64 4.96
CA HIS B 64 9.66 -4.09 5.03
C HIS B 64 8.63 -4.73 5.96
N GLN B 65 7.97 -5.79 5.48
CA GLN B 65 6.84 -6.41 6.17
CA GLN B 65 6.85 -6.41 6.19
C GLN B 65 7.12 -7.92 6.32
N ILE B 66 6.19 -8.78 5.93
CA ILE B 66 6.36 -10.21 5.92
C ILE B 66 6.11 -10.62 4.47
N GLU B 67 6.59 -11.81 4.10
CA GLU B 67 6.25 -12.39 2.81
C GLU B 67 4.80 -12.87 2.78
N LYS B 68 4.22 -12.79 1.60
CA LYS B 68 2.78 -13.07 1.43
C LYS B 68 2.47 -14.05 0.30
N GLU B 69 3.52 -14.49 -0.42
CA GLU B 69 3.42 -15.55 -1.43
C GLU B 69 4.59 -16.47 -1.18
N PHE B 70 4.42 -17.76 -1.44
CA PHE B 70 5.46 -18.78 -1.10
C PHE B 70 5.58 -19.81 -2.21
N SER B 71 6.82 -20.13 -2.60
CA SER B 71 7.09 -21.07 -3.70
C SER B 71 7.18 -22.52 -3.23
N GLU B 72 7.33 -22.73 -1.92
CA GLU B 72 7.45 -24.08 -1.36
C GLU B 72 6.53 -24.26 -0.16
N VAL B 73 6.12 -25.52 0.04
CA VAL B 73 5.36 -25.96 1.23
C VAL B 73 6.28 -25.97 2.45
N GLU B 74 5.84 -25.38 3.57
CA GLU B 74 6.67 -25.35 4.80
C GLU B 74 5.97 -25.74 6.11
N GLY B 75 4.67 -25.61 6.18
CA GLY B 75 3.92 -25.97 7.40
C GLY B 75 3.77 -24.79 8.36
N ARG B 76 4.10 -25.03 9.63
CA ARG B 76 3.68 -24.16 10.75
C ARG B 76 3.98 -22.67 10.60
N ILE B 77 5.22 -22.30 10.29
CA ILE B 77 5.55 -20.87 10.18
C ILE B 77 4.78 -20.19 9.05
N GLN B 78 4.70 -20.85 7.89
CA GLN B 78 3.99 -20.32 6.73
C GLN B 78 2.49 -20.25 7.02
N ASP B 79 1.94 -21.28 7.68
CA ASP B 79 0.54 -21.25 8.08
C ASP B 79 0.24 -19.95 8.90
N LEU B 80 1.15 -19.64 9.82
CA LEU B 80 1.00 -18.43 10.67
C LEU B 80 1.13 -17.13 9.88
N GLU B 81 2.14 -17.05 8.99
CA GLU B 81 2.28 -15.87 8.12
C GLU B 81 1.00 -15.63 7.29
N LYS B 82 0.46 -16.70 6.71
CA LYS B 82 -0.73 -16.61 5.90
C LYS B 82 -1.96 -16.20 6.72
N TYR B 83 -2.08 -16.76 7.91
CA TYR B 83 -3.23 -16.45 8.79
C TYR B 83 -3.21 -14.98 9.28
N VAL B 84 -2.03 -14.48 9.64
CA VAL B 84 -1.85 -13.09 10.06
C VAL B 84 -2.34 -12.18 8.92
N GLU B 85 -1.89 -12.46 7.70
CA GLU B 85 -2.28 -11.61 6.58
C GLU B 85 -3.77 -11.69 6.25
N ASP B 86 -4.33 -12.90 6.25
CA ASP B 86 -5.76 -13.09 5.91
C ASP B 86 -6.61 -12.39 6.97
N THR B 87 -6.18 -12.52 8.22
CA THR B 87 -6.85 -11.86 9.36
C THR B 87 -6.88 -10.33 9.18
N LYS B 88 -5.72 -9.77 8.85
CA LYS B 88 -5.60 -8.34 8.60
C LYS B 88 -6.53 -7.88 7.48
N ILE B 89 -6.44 -8.57 6.35
CA ILE B 89 -7.21 -8.17 5.17
C ILE B 89 -8.72 -8.23 5.46
N ASP B 90 -9.16 -9.26 6.19
CA ASP B 90 -10.59 -9.35 6.51
C ASP B 90 -11.03 -8.20 7.44
N LEU B 91 -10.19 -7.84 8.40
CA LEU B 91 -10.53 -6.73 9.30
C LEU B 91 -10.57 -5.37 8.57
N TRP B 92 -9.62 -5.16 7.65
CA TRP B 92 -9.64 -3.90 6.87
C TRP B 92 -10.82 -3.89 5.89
N SER B 93 -11.12 -5.03 5.29
CA SER B 93 -12.26 -5.15 4.38
C SER B 93 -13.58 -4.81 5.08
N TYR B 94 -13.73 -5.31 6.30
CA TYR B 94 -14.87 -4.97 7.14
C TYR B 94 -14.88 -3.47 7.45
N ASN B 95 -13.73 -2.94 7.89
CA ASN B 95 -13.69 -1.53 8.17
C ASN B 95 -14.14 -0.68 6.96
N ALA B 96 -13.64 -1.03 5.77
CA ALA B 96 -14.01 -0.29 4.56
C ALA B 96 -15.52 -0.36 4.26
N GLU B 97 -16.08 -1.55 4.41
CA GLU B 97 -17.50 -1.78 4.13
C GLU B 97 -18.35 -0.96 5.08
N LEU B 98 -18.05 -1.03 6.38
CA LEU B 98 -18.83 -0.28 7.37
C LEU B 98 -18.69 1.22 7.17
N LEU B 99 -17.46 1.69 6.96
CA LEU B 99 -17.16 3.12 6.76
C LEU B 99 -18.02 3.72 5.65
N VAL B 100 -18.07 3.04 4.52
CA VAL B 100 -18.80 3.54 3.35
CA VAL B 100 -18.81 3.58 3.36
C VAL B 100 -20.32 3.54 3.63
N ALA B 101 -20.81 2.48 4.25
CA ALA B 101 -22.24 2.41 4.59
C ALA B 101 -22.64 3.55 5.56
N LEU B 102 -21.85 3.76 6.61
CA LEU B 102 -22.11 4.84 7.59
C LEU B 102 -22.00 6.19 6.95
N GLU B 103 -20.93 6.40 6.17
CA GLU B 103 -20.73 7.69 5.51
C GLU B 103 -21.91 8.00 4.56
N ASN B 104 -22.35 7.00 3.81
CA ASN B 104 -23.40 7.20 2.79
C ASN B 104 -24.76 7.44 3.44
N GLN B 105 -25.07 6.72 4.51
CA GLN B 105 -26.30 6.98 5.26
C GLN B 105 -26.29 8.40 5.78
N HIS B 106 -25.14 8.84 6.26
CA HIS B 106 -25.01 10.16 6.82
C HIS B 106 -25.11 11.29 5.78
N THR B 107 -24.49 11.06 4.61
CA THR B 107 -24.59 12.01 3.49
C THR B 107 -26.04 12.18 3.04
N ILE B 108 -26.79 11.09 2.94
CA ILE B 108 -28.20 11.14 2.54
C ILE B 108 -29.00 11.91 3.60
N ASP B 109 -28.74 11.59 4.87
CA ASP B 109 -29.49 12.25 5.96
C ASP B 109 -29.14 13.73 6.09
N LEU B 110 -27.88 14.11 5.90
CA LEU B 110 -27.50 15.52 6.01
C LEU B 110 -28.04 16.37 4.86
N THR B 111 -28.10 15.79 3.65
CA THR B 111 -28.64 16.51 2.51
C THR B 111 -30.18 16.65 2.65
N ASP B 112 -30.83 15.61 3.19
CA ASP B 112 -32.26 15.64 3.54
C ASP B 112 -32.49 16.78 4.55
N SER B 113 -31.64 16.81 5.57
CA SER B 113 -31.71 17.85 6.61
C SER B 113 -31.60 19.28 6.06
N GLU B 114 -30.65 19.53 5.15
CA GLU B 114 -30.52 20.86 4.56
C GLU B 114 -31.79 21.30 3.80
N MET B 115 -32.43 20.37 3.09
CA MET B 115 -33.69 20.66 2.40
C MET B 115 -34.74 21.06 3.45
N ASN B 116 -34.85 20.26 4.51
CA ASN B 116 -35.82 20.53 5.58
C ASN B 116 -35.56 21.87 6.26
N LYS B 117 -34.31 22.19 6.53
CA LYS B 117 -33.98 23.46 7.18
C LYS B 117 -34.41 24.68 6.35
N LEU B 118 -34.18 24.61 5.05
CA LEU B 118 -34.55 25.71 4.14
C LEU B 118 -36.06 25.85 4.10
N PHE B 119 -36.77 24.73 4.04
CA PHE B 119 -38.24 24.75 4.10
C PHE B 119 -38.75 25.39 5.39
N GLU B 120 -38.23 24.92 6.51
CA GLU B 120 -38.63 25.47 7.83
C GLU B 120 -38.34 26.95 7.97
N LYS B 121 -37.18 27.37 7.53
CA LYS B 121 -36.81 28.80 7.57
C LYS B 121 -37.82 29.66 6.79
N THR B 122 -38.12 29.22 5.58
CA THR B 122 -39.07 29.96 4.71
C THR B 122 -40.44 30.01 5.36
N LYS B 123 -40.90 28.86 5.89
CA LYS B 123 -42.19 28.78 6.58
C LYS B 123 -42.30 29.84 7.67
N LYS B 124 -41.26 29.94 8.50
CA LYS B 124 -41.29 30.90 9.62
C LYS B 124 -41.30 32.34 9.13
N GLN B 125 -40.49 32.63 8.13
CA GLN B 125 -40.37 33.94 7.54
C GLN B 125 -41.74 34.47 7.04
N LEU B 126 -42.51 33.59 6.42
CA LEU B 126 -43.83 33.94 5.89
C LEU B 126 -44.91 34.20 6.95
N ARG B 127 -44.70 33.78 8.19
CA ARG B 127 -45.60 34.05 9.32
C ARG B 127 -47.05 33.68 8.99
N GLU B 128 -47.99 34.62 9.07
CA GLU B 128 -49.38 34.33 8.82
C GLU B 128 -49.80 34.68 7.39
N ASN B 129 -48.83 34.89 6.49
CA ASN B 129 -49.12 35.33 5.12
C ASN B 129 -49.21 34.19 4.10
N ALA B 130 -48.94 32.96 4.52
CA ALA B 130 -48.93 31.81 3.63
C ALA B 130 -49.35 30.57 4.37
N GLU B 131 -49.72 29.53 3.64
CA GLU B 131 -50.03 28.21 4.17
C GLU B 131 -49.23 27.13 3.43
N ASP B 132 -48.83 26.12 4.20
CA ASP B 132 -48.05 25.01 3.68
C ASP B 132 -49.00 24.06 2.94
N MET B 133 -48.77 23.85 1.65
CA MET B 133 -49.63 22.99 0.83
C MET B 133 -49.28 21.50 0.98
N GLY B 134 -48.23 21.16 1.73
CA GLY B 134 -47.93 19.75 2.00
C GLY B 134 -46.95 19.05 1.07
N ASN B 135 -46.56 19.74 -0.01
CA ASN B 135 -45.71 19.19 -1.06
C ASN B 135 -44.44 20.05 -1.25
N GLY B 136 -44.08 20.79 -0.22
CA GLY B 136 -42.95 21.71 -0.28
C GLY B 136 -43.29 23.08 -0.82
N CYS B 137 -44.55 23.33 -1.12
CA CYS B 137 -44.98 24.63 -1.64
C CYS B 137 -45.80 25.37 -0.61
N PHE B 138 -45.69 26.69 -0.66
CA PHE B 138 -46.53 27.61 0.09
C PHE B 138 -47.47 28.33 -0.84
N LYS B 139 -48.72 28.46 -0.41
CA LYS B 139 -49.68 29.38 -1.04
C LYS B 139 -49.53 30.70 -0.30
N ILE B 140 -49.15 31.74 -1.04
CA ILE B 140 -48.94 33.07 -0.49
C ILE B 140 -50.24 33.84 -0.78
N TYR B 141 -50.86 34.36 0.29
CA TYR B 141 -52.19 34.97 0.19
C TYR B 141 -52.20 36.49 -0.06
N HIS B 142 -51.22 36.98 -0.80
CA HIS B 142 -51.14 38.38 -1.17
C HIS B 142 -50.42 38.50 -2.51
N LYS B 143 -50.64 39.61 -3.21
CA LYS B 143 -49.88 39.90 -4.44
C LYS B 143 -48.40 39.90 -4.07
N CYS B 144 -47.60 39.12 -4.78
CA CYS B 144 -46.19 38.97 -4.48
C CYS B 144 -45.43 38.91 -5.80
N ASP B 145 -45.06 40.08 -6.29
CA ASP B 145 -44.36 40.26 -7.57
C ASP B 145 -42.89 39.78 -7.52
N ASN B 146 -42.13 39.97 -8.59
CA ASN B 146 -40.76 39.43 -8.62
C ASN B 146 -39.87 39.97 -7.51
N ALA B 147 -40.00 41.26 -7.22
CA ALA B 147 -39.24 41.87 -6.11
C ALA B 147 -39.62 41.26 -4.76
N CYS B 148 -40.91 41.01 -4.57
CA CYS B 148 -41.41 40.42 -3.34
C CYS B 148 -40.87 38.97 -3.18
N ILE B 149 -40.97 38.17 -4.23
CA ILE B 149 -40.41 36.80 -4.23
C ILE B 149 -38.92 36.89 -3.92
N GLY B 150 -38.21 37.80 -4.58
CA GLY B 150 -36.79 38.05 -4.33
C GLY B 150 -36.46 38.35 -2.87
N SER B 151 -37.32 39.15 -2.22
CA SER B 151 -37.15 39.50 -0.82
C SER B 151 -37.25 38.30 0.10
N ILE B 152 -38.12 37.35 -0.25
CA ILE B 152 -38.26 36.10 0.51
C ILE B 152 -36.96 35.30 0.37
N ARG B 153 -36.54 35.10 -0.87
CA ARG B 153 -35.27 34.41 -1.15
C ARG B 153 -34.03 35.04 -0.45
N ASN B 154 -34.00 36.37 -0.35
CA ASN B 154 -32.87 37.11 0.21
C ASN B 154 -33.00 37.38 1.72
N GLY B 155 -34.09 36.96 2.35
CA GLY B 155 -34.30 37.24 3.77
C GLY B 155 -34.58 38.69 4.14
N THR B 156 -35.15 39.47 3.21
CA THR B 156 -35.52 40.85 3.48
C THR B 156 -37.06 41.07 3.42
N TYR B 157 -37.82 40.00 3.32
CA TYR B 157 -39.28 40.07 3.27
C TYR B 157 -39.82 40.52 4.62
N ASP B 158 -40.62 41.60 4.63
CA ASP B 158 -41.22 42.11 5.86
C ASP B 158 -42.68 41.64 5.86
N HIS B 159 -42.99 40.65 6.69
CA HIS B 159 -44.34 40.06 6.70
C HIS B 159 -45.40 41.10 7.09
N ASP B 160 -45.01 42.09 7.90
CA ASP B 160 -45.96 43.10 8.36
C ASP B 160 -46.53 43.94 7.24
N VAL B 161 -45.75 44.12 6.17
CA VAL B 161 -46.20 44.90 4.99
C VAL B 161 -47.45 44.31 4.34
N TYR B 162 -47.56 42.98 4.37
CA TYR B 162 -48.57 42.25 3.63
C TYR B 162 -49.63 41.57 4.51
N ARG B 163 -49.49 41.64 5.83
CA ARG B 163 -50.27 40.85 6.75
C ARG B 163 -51.77 41.12 6.65
N ASP B 164 -52.15 42.40 6.60
CA ASP B 164 -53.59 42.75 6.53
C ASP B 164 -54.21 42.13 5.28
N GLU B 165 -53.53 42.30 4.13
CA GLU B 165 -53.98 41.71 2.86
C GLU B 165 -54.13 40.20 2.94
N ALA B 166 -53.10 39.57 3.51
CA ALA B 166 -53.05 38.11 3.60
C ALA B 166 -54.11 37.56 4.52
N LEU B 167 -54.26 38.15 5.71
CA LEU B 167 -55.30 37.68 6.64
C LEU B 167 -56.71 37.79 6.05
N ASN B 168 -56.99 38.90 5.37
N ASN B 168 -57.00 38.91 5.39
CA ASN B 168 -58.28 39.06 4.70
CA ASN B 168 -58.29 39.05 4.71
C ASN B 168 -58.53 37.94 3.67
C ASN B 168 -58.52 37.92 3.69
N ASN B 169 -57.51 37.61 2.88
CA ASN B 169 -57.64 36.54 1.89
C ASN B 169 -57.74 35.13 2.51
N ARG B 170 -56.99 34.87 3.57
CA ARG B 170 -57.02 33.55 4.22
C ARG B 170 -58.34 33.25 4.90
N PHE B 171 -58.86 34.22 5.62
CA PHE B 171 -59.98 33.96 6.54
C PHE B 171 -61.31 34.49 6.05
N GLN B 172 -61.43 34.70 4.73
CA GLN B 172 -62.74 34.97 4.11
C GLN B 172 -63.55 33.67 3.95
N ILE B 173 -64.78 33.83 3.44
CA ILE B 173 -65.69 32.73 3.18
C ILE B 173 -65.84 32.56 1.67
C1 NAG C . -18.71 14.21 -8.31
C2 NAG C . -18.37 15.49 -9.07
C3 NAG C . -16.87 15.60 -9.30
C4 NAG C . -16.09 15.49 -7.98
C5 NAG C . -16.55 14.29 -7.15
C6 NAG C . -15.96 14.34 -5.73
C7 NAG C . -20.11 16.20 -10.62
C8 NAG C . -20.73 15.97 -11.96
N2 NAG C . -19.08 15.42 -10.33
O3 NAG C . -16.56 16.85 -9.92
O4 NAG C . -14.69 15.28 -8.28
O5 NAG C . -17.98 14.20 -7.07
O6 NAG C . -16.45 15.50 -5.05
O7 NAG C . -20.54 17.04 -9.84
C1 NAG C . -13.81 16.37 -7.95
C2 NAG C . -12.39 15.80 -7.83
C3 NAG C . -11.37 16.93 -7.63
C4 NAG C . -11.49 17.98 -8.73
C5 NAG C . -12.95 18.48 -8.81
C6 NAG C . -13.16 19.43 -9.98
C7 NAG C . -12.22 13.53 -6.88
C8 NAG C . -12.06 12.74 -5.62
N2 NAG C . -12.25 14.86 -6.73
O3 NAG C . -10.05 16.35 -7.64
O4 NAG C . -10.61 19.09 -8.44
O5 NAG C . -13.88 17.39 -8.94
O6 NAG C . -13.15 18.70 -11.22
O7 NAG C . -12.33 12.98 -7.97
C1 BMA C . -9.43 19.11 -9.28
C2 BMA C . -8.78 20.50 -9.20
C3 BMA C . -7.47 20.53 -9.98
C4 BMA C . -6.56 19.36 -9.57
C5 BMA C . -7.33 18.05 -9.77
C6 BMA C . -6.52 16.78 -9.49
O2 BMA C . -8.56 20.87 -7.83
O3 BMA C . -6.80 21.79 -9.79
O4 BMA C . -5.36 19.37 -10.36
O5 BMA C . -8.49 18.09 -8.92
O6 BMA C . -6.09 16.72 -8.12
C1 NAG D . 20.34 -12.47 -18.15
C2 NAG D . 21.23 -11.60 -19.03
C3 NAG D . 20.89 -11.82 -20.51
C4 NAG D . 20.77 -13.32 -20.87
C5 NAG D . 19.82 -14.02 -19.88
C6 NAG D . 19.58 -15.51 -20.10
C7 NAG D . 21.92 -9.43 -18.02
C8 NAG D . 21.46 -8.04 -17.69
N2 NAG D . 21.01 -10.22 -18.63
O3 NAG D . 21.90 -11.21 -21.31
O4 NAG D . 20.31 -13.41 -22.23
O5 NAG D . 20.35 -13.84 -18.57
O6 NAG D . 20.71 -16.30 -19.73
O7 NAG D . 23.04 -9.78 -17.76
C1 NAG D . 21.05 -14.39 -23.01
C2 NAG D . 20.33 -14.61 -24.36
C3 NAG D . 21.21 -15.14 -25.52
C4 NAG D . 22.72 -14.86 -25.38
C5 NAG D . 23.17 -14.99 -23.93
C6 NAG D . 24.66 -14.81 -23.72
C7 NAG D . 17.95 -15.18 -23.91
C8 NAG D . 16.98 -16.31 -23.71
N2 NAG D . 19.22 -15.55 -24.14
O3 NAG D . 20.79 -14.53 -26.75
O4 NAG D . 23.46 -15.78 -26.20
O5 NAG D . 22.42 -14.01 -23.21
O6 NAG D . 25.16 -13.66 -24.42
O7 NAG D . 17.57 -14.02 -23.87
C1 NAG E . 43.47 -18.95 19.27
C2 NAG E . 44.67 -19.01 20.22
C3 NAG E . 44.28 -18.40 21.55
C4 NAG E . 43.74 -16.99 21.35
C5 NAG E . 42.64 -16.98 20.28
C6 NAG E . 42.15 -15.57 19.96
C7 NAG E . 46.29 -20.87 20.03
C8 NAG E . 46.54 -22.31 20.35
N2 NAG E . 45.11 -20.37 20.43
O3 NAG E . 45.40 -18.37 22.45
O4 NAG E . 43.17 -16.53 22.58
O5 NAG E . 43.11 -17.59 19.09
O6 NAG E . 43.23 -14.72 19.55
O7 NAG E . 47.13 -20.21 19.44
C1 NAG E . 44.01 -15.62 23.29
C2 NAG E . 43.10 -14.75 24.15
C3 NAG E . 43.91 -13.87 25.09
C4 NAG E . 44.96 -14.70 25.81
C5 NAG E . 45.81 -15.48 24.82
C6 NAG E . 46.93 -16.30 25.47
C7 NAG E . 40.93 -14.10 23.16
C8 NAG E . 40.25 -13.16 22.21
N2 NAG E . 42.26 -13.94 23.27
O3 NAG E . 43.06 -13.26 26.07
O4 NAG E . 45.79 -13.80 26.58
O5 NAG E . 44.95 -16.34 24.10
O6 NAG E . 46.38 -17.17 26.47
O7 NAG E . 40.30 -14.96 23.76
C1 BMA E . 45.59 -13.92 28.00
C2 BMA E . 46.98 -13.93 28.63
C3 BMA E . 46.87 -14.14 30.14
C4 BMA E . 45.88 -13.15 30.75
C5 BMA E . 44.56 -13.02 29.97
C6 BMA E . 43.69 -11.87 30.52
O2 BMA E . 47.63 -12.67 28.36
O3 BMA E . 48.18 -14.01 30.72
O4 BMA E . 45.56 -13.58 32.08
O5 BMA E . 44.82 -12.85 28.56
O6 BMA E . 43.42 -10.85 29.55
C1 NAG F . -1.82 -8.17 -9.69
C2 NAG F . -3.18 -8.42 -10.38
C3 NAG F . -3.95 -9.57 -9.75
C4 NAG F . -3.04 -10.76 -9.50
C5 NAG F . -1.79 -10.34 -8.75
C6 NAG F . -0.84 -11.50 -8.44
C7 NAG F . -4.00 -6.29 -11.34
C8 NAG F . -4.95 -5.13 -11.21
N2 NAG F . -4.04 -7.22 -10.38
O3 NAG F . -5.00 -9.97 -10.62
O4 NAG F . -3.80 -11.73 -8.76
O5 NAG F . -1.09 -9.38 -9.53
O6 NAG F . -0.36 -12.04 -9.67
O7 NAG F . -3.19 -6.33 -12.27
C1 NAG F . -3.78 -13.00 -9.43
C2 NAG F . -3.99 -14.09 -8.39
C3 NAG F . -4.46 -15.45 -8.93
C4 NAG F . -5.31 -15.35 -10.20
C5 NAG F . -4.73 -14.31 -11.16
C6 NAG F . -5.46 -14.18 -12.49
C7 NAG F . -2.52 -14.13 -6.41
C8 NAG F . -1.12 -14.42 -5.95
N2 NAG F . -2.72 -14.29 -7.72
O3 NAG F . -5.19 -16.11 -7.89
O4 NAG F . -5.37 -16.64 -10.84
O5 NAG F . -4.76 -13.05 -10.47
O6 NAG F . -6.77 -13.66 -12.27
O7 NAG F . -3.39 -13.77 -5.64
C1 NAG G . 41.69 -24.30 16.70
C2 NAG G . 41.57 -25.76 16.26
C3 NAG G . 42.56 -26.66 17.01
C4 NAG G . 43.96 -26.09 16.98
C5 NAG G . 44.00 -24.59 17.31
C6 NAG G . 45.39 -24.02 17.07
C7 NAG G . 39.31 -26.41 15.58
C8 NAG G . 37.96 -26.82 16.08
N2 NAG G . 40.21 -26.18 16.53
O3 NAG G . 42.55 -27.95 16.40
O4 NAG G . 44.82 -26.83 17.86
O5 NAG G . 43.04 -23.90 16.47
O6 NAG G . 45.71 -24.08 15.68
O7 NAG G . 39.54 -26.30 14.39
C1 NAG G . 45.79 -27.60 17.10
C2 NAG G . 46.89 -28.09 18.04
C3 NAG G . 47.77 -29.19 17.43
C4 NAG G . 46.99 -30.15 16.53
C5 NAG G . 46.07 -29.40 15.59
C6 NAG G . 45.31 -30.29 14.62
C7 NAG G . 47.61 -26.28 19.53
C8 NAG G . 48.57 -25.13 19.68
N2 NAG G . 47.73 -26.96 18.38
O3 NAG G . 48.36 -29.93 18.51
O4 NAG G . 47.92 -30.91 15.74
O5 NAG G . 45.17 -28.68 16.42
O6 NAG G . 44.52 -31.25 15.33
O7 NAG G . 46.78 -26.56 20.39
C1 BMA G . 48.07 -32.26 16.22
C2 BMA G . 48.71 -33.09 15.12
C3 BMA G . 49.13 -34.48 15.63
C4 BMA G . 49.88 -34.38 16.96
C5 BMA G . 49.09 -33.55 17.97
C6 BMA G . 49.83 -33.39 19.29
O2 BMA G . 49.85 -32.41 14.58
O3 BMA G . 49.95 -35.13 14.65
O4 BMA G . 50.12 -35.69 17.48
O5 BMA G . 48.83 -32.25 17.43
O6 BMA G . 49.91 -34.65 19.95
C1 NAG H . 40.85 -34.78 -8.10
C2 NAG H . 40.26 -33.37 -8.18
C3 NAG H . 38.75 -33.45 -8.44
C4 NAG H . 38.46 -34.32 -9.65
C5 NAG H . 39.15 -35.68 -9.51
C6 NAG H . 38.97 -36.58 -10.73
C7 NAG H . 41.43 -31.65 -6.87
C8 NAG H . 41.55 -31.01 -5.52
N2 NAG H . 40.53 -32.63 -6.96
O1 NAG H . 42.26 -34.72 -7.92
O3 NAG H . 38.26 -32.12 -8.64
O4 NAG H . 37.03 -34.52 -9.78
O5 NAG H . 40.55 -35.49 -9.31
O6 NAG H . 39.53 -35.96 -11.90
O7 NAG H . 42.11 -31.26 -7.81
C1 GAL H . 36.47 -33.93 -10.97
C2 GAL H . 35.16 -34.66 -11.26
C3 GAL H . 34.40 -33.98 -12.40
C4 GAL H . 34.27 -32.49 -12.13
C5 GAL H . 35.67 -31.89 -11.95
C6 GAL H . 35.66 -30.36 -11.83
O2 GAL H . 35.46 -36.02 -11.61
O3 GAL H . 33.11 -34.58 -12.56
O4 GAL H . 33.50 -32.27 -10.94
O5 GAL H . 36.25 -32.52 -10.81
O6 GAL H . 36.59 -29.85 -10.84
C1 SIA H . 35.92 -27.78 -10.25
C2 SIA H . 37.01 -28.84 -10.06
C3 SIA H . 38.41 -28.27 -10.32
C4 SIA H . 38.79 -27.23 -9.26
C5 SIA H . 38.73 -27.78 -7.84
C6 SIA H . 37.34 -28.41 -7.64
C7 SIA H . 37.12 -29.28 -6.41
C8 SIA H . 35.70 -29.87 -6.37
C9 SIA H . 35.32 -30.23 -4.93
C10 SIA H . 39.83 -26.68 -5.88
C11 SIA H . 39.88 -25.40 -5.09
N5 SIA H . 38.98 -26.68 -6.91
O1A SIA H . 35.96 -27.10 -11.30
O1B SIA H . 35.04 -27.62 -9.37
O4 SIA H . 40.10 -26.70 -9.54
O6 SIA H . 36.98 -29.31 -8.71
O7 SIA H . 38.07 -30.36 -6.43
O8 SIA H . 34.69 -29.01 -6.92
O9 SIA H . 34.19 -31.10 -4.89
O10 SIA H . 40.55 -27.62 -5.58
C1 NAG I . -23.40 12.60 -15.63
C2 NAG I . -21.87 12.39 -15.43
C3 NAG I . -21.04 13.62 -15.84
C4 NAG I . -21.48 14.25 -17.16
C5 NAG I . -22.97 14.52 -17.08
C6 NAG I . -23.53 15.21 -18.34
C7 NAG I . -21.81 11.02 -13.35
C8 NAG I . -21.22 10.96 -11.97
N2 NAG I . -21.46 12.09 -14.05
O3 NAG I . -19.65 13.27 -15.95
O4 NAG I . -20.74 15.46 -17.39
O5 NAG I . -23.63 13.27 -16.88
O6 NAG I . -23.26 14.43 -19.50
O7 NAG I . -22.56 10.15 -13.76
C1 NAG J . 43.97 -13.98 -3.65
C2 NAG J . 45.47 -13.63 -3.65
C3 NAG J . 45.71 -12.12 -3.44
C4 NAG J . 44.84 -11.27 -4.37
C5 NAG J . 43.38 -11.71 -4.23
C6 NAG J . 42.41 -10.92 -5.11
C7 NAG J . 46.90 -15.44 -2.78
C8 NAG J . 47.53 -16.01 -1.56
N2 NAG J . 46.16 -14.34 -2.59
O3 NAG J . 47.08 -11.80 -3.66
O4 NAG J . 44.98 -9.89 -4.05
O5 NAG J . 43.30 -13.09 -4.56
O6 NAG J . 42.83 -10.99 -6.48
O7 NAG J . 47.06 -15.95 -3.88
C1 NAG K . -32.06 39.51 -4.10
C2 NAG K . -32.32 40.86 -4.80
C3 NAG K . -31.83 40.85 -6.25
C4 NAG K . -30.40 40.30 -6.36
C5 NAG K . -30.33 38.94 -5.68
C6 NAG K . -28.96 38.28 -5.79
C7 NAG K . -34.37 41.85 -3.83
C8 NAG K . -35.82 42.15 -4.10
N2 NAG K . -33.73 41.22 -4.83
O3 NAG K . -31.89 42.17 -6.79
O4 NAG K . -30.03 40.19 -7.75
O5 NAG K . -30.69 39.12 -4.29
O6 NAG K . -27.94 39.12 -5.23
O7 NAG K . -33.84 42.16 -2.77
#